data_1G30
#
_entry.id   1G30
#
_cell.length_a   69.300
_cell.length_b   70.900
_cell.length_c   72.800
_cell.angle_alpha   90.00
_cell.angle_beta   100.30
_cell.angle_gamma   90.00
#
_symmetry.space_group_name_H-M   'C 1 2 1'
#
loop_
_entity.id
_entity.type
_entity.pdbx_description
1 polymer PROTHROMBIN
2 polymer PROTHROMBIN
3 polymer 'HIRUDIN IIB'
4 non-polymer '[(1-{2[(4-CARBAMIMIDOYL-PHENYLAMINO)-METHYL]-1-METHYL-1H-BENZOIMIDAZOL-5-YL}-CYCLOPROPYL)-PYRIDIN-2-YL-METHYLENEAMINOOXY]-ACETIC ACID ETHYL ESTER'
5 water water
#
loop_
_entity_poly.entity_id
_entity_poly.type
_entity_poly.pdbx_seq_one_letter_code
_entity_poly.pdbx_strand_id
1 'polypeptide(L)' TFGSGEADCGLRPLFEKKSLEDKTERELLESYIDGR A
2 'polypeptide(L)'
;IVEGSDAEIGMSPWQVMLFRKSPQELLCGASLISDRWVLTAAHCLLYPPWDKNFTENDLLVRIGKHSRTRYERNIEKISM
LEKIYIHPRYNWRENLDRDIALMKLKKPVAFSDYIHPVCLPDRETAASLLQAGYKGRVTGWGNLKETWTANVGKGQPSVL
QVVNLPIVERPVCKDSTRIRITDNMFCAGYKPDEGKRGDACEGDSGGPFVMKSPFNNRWYQMGIVSWGEGCDRDGKYGFY
THVFRLKKWIQKVIDQFGE
;
B
3 'polypeptide(L)' DFEEIPEE(TYS)LQ C
#
# COMPACT_ATOMS: atom_id res chain seq x y z
N GLU A 6 -0.25 -16.48 6.22
CA GLU A 6 -1.72 -16.58 6.47
C GLU A 6 -2.27 -17.65 5.51
N ALA A 7 -3.13 -18.52 6.01
CA ALA A 7 -3.67 -19.60 5.19
C ALA A 7 -4.76 -19.22 4.21
N ASP A 8 -5.44 -18.11 4.48
CA ASP A 8 -6.53 -17.67 3.63
C ASP A 8 -6.25 -16.31 3.00
N CYS A 9 -5.02 -15.84 3.19
CA CYS A 9 -4.59 -14.54 2.69
C CYS A 9 -4.72 -14.39 1.17
N GLY A 10 -4.95 -13.16 0.74
CA GLY A 10 -5.04 -12.88 -0.69
C GLY A 10 -6.25 -13.34 -1.46
N LEU A 11 -7.20 -14.00 -0.81
CA LEU A 11 -8.42 -14.46 -1.48
C LEU A 11 -9.53 -13.55 -0.96
N ARG A 12 -10.07 -12.72 -1.83
CA ARG A 12 -11.09 -11.75 -1.45
C ARG A 12 -12.49 -12.32 -1.32
N PRO A 13 -13.14 -12.05 -0.18
CA PRO A 13 -14.49 -12.52 0.09
C PRO A 13 -15.45 -12.22 -1.05
N LEU A 14 -15.44 -11.00 -1.57
CA LEU A 14 -16.35 -10.66 -2.64
C LEU A 14 -15.90 -11.04 -4.04
N PHE A 15 -14.71 -11.60 -4.18
CA PHE A 15 -14.23 -11.99 -5.50
C PHE A 15 -13.75 -13.45 -5.56
N GLU A 16 -12.51 -13.72 -5.19
CA GLU A 16 -11.96 -15.09 -5.23
C GLU A 16 -12.83 -16.10 -4.47
N LYS A 17 -13.29 -15.72 -3.28
CA LYS A 17 -14.13 -16.59 -2.46
C LYS A 17 -15.43 -17.02 -3.13
N LYS A 18 -15.93 -16.21 -4.05
CA LYS A 18 -17.16 -16.57 -4.73
C LYS A 18 -16.97 -16.69 -6.24
N SER A 19 -15.72 -16.89 -6.62
CA SER A 19 -15.32 -17.04 -8.02
C SER A 19 -15.83 -15.90 -8.90
N LEU A 20 -15.71 -14.68 -8.40
CA LEU A 20 -16.11 -13.51 -9.19
C LEU A 20 -14.81 -12.74 -9.43
N GLU A 21 -14.65 -12.18 -10.62
CA GLU A 21 -13.43 -11.43 -10.89
C GLU A 21 -13.74 -9.95 -11.01
N ASP A 22 -12.84 -9.10 -10.53
CA ASP A 22 -13.06 -7.67 -10.63
C ASP A 22 -12.85 -7.18 -12.06
N LYS A 23 -13.30 -5.98 -12.33
CA LYS A 23 -13.23 -5.38 -13.65
C LYS A 23 -11.89 -5.23 -14.34
N THR A 24 -10.80 -5.18 -13.60
CA THR A 24 -9.50 -4.99 -14.24
C THR A 24 -8.39 -5.97 -13.91
N GLU A 25 -8.70 -7.06 -13.19
CA GLU A 25 -7.66 -8.03 -12.85
C GLU A 25 -7.09 -8.72 -14.09
N ARG A 26 -7.91 -8.94 -15.10
CA ARG A 26 -7.48 -9.56 -16.34
C ARG A 26 -6.32 -8.81 -17.01
N GLU A 27 -6.30 -7.48 -16.88
CA GLU A 27 -5.22 -6.66 -17.44
C GLU A 27 -3.89 -7.10 -16.84
N LEU A 28 -3.92 -7.36 -15.54
CA LEU A 28 -2.77 -7.81 -14.77
C LEU A 28 -2.29 -9.18 -15.25
N LEU A 29 -3.24 -10.10 -15.35
CA LEU A 29 -2.93 -11.45 -15.74
C LEU A 29 -2.43 -11.52 -17.19
N GLU A 30 -2.94 -10.65 -18.05
CA GLU A 30 -2.49 -10.61 -19.44
C GLU A 30 -1.06 -10.10 -19.59
N SER A 31 -0.56 -9.41 -18.56
CA SER A 31 0.78 -8.86 -18.58
C SER A 31 1.82 -9.86 -18.03
N TYR A 32 1.34 -10.97 -17.47
CA TYR A 32 2.24 -11.96 -16.92
C TYR A 32 2.53 -12.99 -18.00
N ILE B 1 -4.38 8.86 -6.08
CA ILE B 1 -4.02 8.08 -7.29
C ILE B 1 -4.32 8.95 -8.49
N VAL B 2 -3.32 9.18 -9.34
CA VAL B 2 -3.50 10.00 -10.54
C VAL B 2 -3.86 9.08 -11.68
N GLU B 3 -4.95 9.39 -12.37
CA GLU B 3 -5.43 8.60 -13.51
C GLU B 3 -5.89 7.19 -13.14
N GLY B 4 -6.43 7.04 -11.94
CA GLY B 4 -6.95 5.75 -11.52
C GLY B 4 -8.45 5.79 -11.69
N SER B 5 -9.16 4.86 -11.09
CA SER B 5 -10.63 4.84 -11.16
C SER B 5 -11.15 4.36 -9.82
N ASP B 6 -12.44 4.58 -9.55
CA ASP B 6 -13.02 4.16 -8.27
C ASP B 6 -12.91 2.67 -8.08
N ALA B 7 -12.58 2.27 -6.86
CA ALA B 7 -12.47 0.87 -6.51
C ALA B 7 -13.85 0.24 -6.42
N GLU B 8 -13.93 -1.05 -6.70
CA GLU B 8 -15.19 -1.78 -6.57
C GLU B 8 -15.30 -2.11 -5.09
N ILE B 9 -16.51 -2.28 -4.60
CA ILE B 9 -16.68 -2.61 -3.20
C ILE B 9 -16.03 -3.98 -2.93
N GLY B 10 -15.18 -4.02 -1.91
CA GLY B 10 -14.49 -5.23 -1.51
C GLY B 10 -13.32 -5.60 -2.42
N MET B 11 -12.96 -4.72 -3.35
CA MET B 11 -11.87 -4.98 -4.30
C MET B 11 -10.46 -5.02 -3.68
N SER B 12 -10.28 -4.34 -2.56
CA SER B 12 -8.99 -4.26 -1.89
C SER B 12 -9.25 -4.33 -0.38
N PRO B 13 -9.69 -5.49 0.12
CA PRO B 13 -9.99 -5.66 1.54
C PRO B 13 -8.84 -5.50 2.52
N TRP B 14 -7.62 -5.45 2.00
CA TRP B 14 -6.46 -5.27 2.86
C TRP B 14 -6.12 -3.79 2.98
N GLN B 15 -6.82 -2.93 2.24
CA GLN B 15 -6.54 -1.50 2.28
C GLN B 15 -6.82 -0.94 3.65
N VAL B 16 -5.82 -0.23 4.19
CA VAL B 16 -5.89 0.38 5.51
C VAL B 16 -5.61 1.89 5.40
N MET B 17 -6.26 2.69 6.23
CA MET B 17 -6.05 4.14 6.22
C MET B 17 -5.35 4.54 7.50
N LEU B 18 -4.22 5.21 7.37
CA LEU B 18 -3.49 5.68 8.55
C LEU B 18 -4.19 7.02 8.78
N PHE B 19 -4.78 7.17 9.95
CA PHE B 19 -5.56 8.35 10.26
C PHE B 19 -5.06 9.06 11.51
N ARG B 20 -4.90 10.37 11.40
CA ARG B 20 -4.44 11.19 12.51
C ARG B 20 -5.64 11.62 13.35
N LYS B 21 -5.51 11.51 14.66
CA LYS B 21 -6.58 11.91 15.57
C LYS B 21 -6.80 13.42 15.53
N SER B 22 -5.77 14.18 15.88
CA SER B 22 -5.85 15.64 15.92
C SER B 22 -4.75 16.37 15.15
N PRO B 23 -5.11 17.08 14.07
CA PRO B 23 -6.49 17.17 13.57
C PRO B 23 -6.83 15.88 12.81
N GLN B 24 -8.12 15.55 12.74
CA GLN B 24 -8.55 14.34 12.04
C GLN B 24 -8.23 14.47 10.55
N GLU B 25 -7.32 13.63 10.08
CA GLU B 25 -6.90 13.66 8.67
C GLU B 25 -6.20 12.38 8.23
N LEU B 26 -6.17 12.17 6.91
CA LEU B 26 -5.50 11.01 6.32
C LEU B 26 -4.00 11.26 6.38
N LEU B 27 -3.27 10.30 6.94
CA LEU B 27 -1.83 10.41 7.04
C LEU B 27 -1.13 9.64 5.92
N CYS B 28 -1.57 8.41 5.68
CA CYS B 28 -0.95 7.56 4.67
C CYS B 28 -1.85 6.38 4.36
N GLY B 29 -1.37 5.54 3.44
CA GLY B 29 -2.08 4.32 3.08
C GLY B 29 -1.38 3.23 3.86
N ALA B 30 -1.91 2.02 3.87
CA ALA B 30 -1.29 0.93 4.60
C ALA B 30 -1.98 -0.36 4.19
N SER B 31 -1.59 -1.48 4.78
CA SER B 31 -2.19 -2.76 4.42
C SER B 31 -2.30 -3.73 5.59
N LEU B 32 -3.37 -4.53 5.55
CA LEU B 32 -3.66 -5.53 6.56
C LEU B 32 -2.97 -6.83 6.20
N ILE B 33 -2.03 -7.29 7.03
CA ILE B 33 -1.35 -8.55 6.74
C ILE B 33 -1.76 -9.73 7.65
N SER B 34 -2.51 -9.43 8.71
CA SER B 34 -3.05 -10.42 9.65
C SER B 34 -4.07 -9.67 10.52
N ASP B 35 -4.72 -10.34 11.48
CA ASP B 35 -5.69 -9.64 12.31
C ASP B 35 -5.08 -8.62 13.28
N ARG B 36 -3.76 -8.63 13.45
CA ARG B 36 -3.12 -7.67 14.34
C ARG B 36 -1.91 -6.93 13.77
N TRP B 37 -1.63 -7.12 12.48
CA TRP B 37 -0.47 -6.48 11.86
C TRP B 37 -0.83 -5.71 10.61
N VAL B 38 -0.39 -4.45 10.57
CA VAL B 38 -0.63 -3.53 9.47
C VAL B 38 0.74 -3.11 8.94
N LEU B 39 0.91 -3.19 7.63
CA LEU B 39 2.18 -2.82 7.02
C LEU B 39 2.06 -1.47 6.32
N THR B 40 3.10 -0.67 6.43
CA THR B 40 3.13 0.65 5.82
C THR B 40 4.60 1.07 5.56
N ALA B 41 4.79 2.27 5.02
CA ALA B 41 6.13 2.80 4.76
C ALA B 41 6.61 3.45 6.05
N ALA B 42 7.90 3.26 6.37
CA ALA B 42 8.48 3.85 7.58
C ALA B 42 8.35 5.36 7.60
N HIS B 43 8.42 5.98 6.42
CA HIS B 43 8.32 7.43 6.26
C HIS B 43 6.97 8.01 6.69
N CYS B 44 5.96 7.14 6.80
CA CYS B 44 4.63 7.55 7.21
C CYS B 44 4.61 7.84 8.70
N LEU B 45 5.54 7.22 9.42
CA LEU B 45 5.67 7.37 10.86
C LEU B 45 6.83 8.29 11.21
N LEU B 46 8.00 8.02 10.63
CA LEU B 46 9.17 8.82 10.91
C LEU B 46 9.81 9.42 9.67
N TYR B 47 9.78 10.73 9.57
CA TYR B 47 10.41 11.44 8.46
C TYR B 47 10.78 12.87 8.89
N PRO B 48 11.93 13.00 9.58
CA PRO B 48 12.51 14.25 10.10
C PRO B 48 12.49 15.46 9.16
N PRO B 49 12.84 15.30 7.89
CA PRO B 49 12.80 16.51 7.05
C PRO B 49 11.41 17.15 6.97
N TRP B 50 10.37 16.35 7.12
CA TRP B 50 9.00 16.87 7.07
C TRP B 50 8.42 17.00 8.48
N ASP B 51 9.30 16.94 9.48
CA ASP B 51 8.93 17.04 10.88
C ASP B 51 7.96 15.96 11.34
N LYS B 52 8.04 14.81 10.67
CA LYS B 52 7.17 13.70 10.97
C LYS B 52 7.84 12.69 11.90
N ASN B 53 7.17 12.40 13.02
CA ASN B 53 7.64 11.41 14.00
C ASN B 53 6.50 11.09 14.95
N PHE B 54 5.51 10.39 14.43
CA PHE B 54 4.33 10.00 15.20
C PHE B 54 4.61 8.92 16.23
N THR B 55 3.80 8.91 17.27
CA THR B 55 3.86 7.89 18.31
C THR B 55 2.53 7.16 18.16
N GLU B 56 2.44 5.94 18.67
CA GLU B 56 1.23 5.13 18.60
C GLU B 56 -0.04 5.92 18.89
N ASN B 57 -0.03 6.63 20.01
CA ASN B 57 -1.19 7.40 20.44
C ASN B 57 -1.62 8.54 19.55
N ASP B 58 -0.81 8.91 18.58
CA ASP B 58 -1.18 10.00 17.67
C ASP B 58 -2.00 9.44 16.53
N LEU B 59 -1.89 8.13 16.34
CA LEU B 59 -2.52 7.44 15.22
C LEU B 59 -3.72 6.54 15.47
N LEU B 60 -4.45 6.32 14.39
CA LEU B 60 -5.62 5.45 14.35
C LEU B 60 -5.60 4.79 12.98
N VAL B 61 -5.88 3.50 12.93
CA VAL B 61 -5.90 2.73 11.69
C VAL B 61 -7.36 2.43 11.32
N ARG B 62 -7.80 2.83 10.13
CA ARG B 62 -9.17 2.60 9.70
C ARG B 62 -9.20 1.54 8.58
N ILE B 63 -9.81 0.41 8.89
CA ILE B 63 -9.88 -0.75 8.00
C ILE B 63 -11.29 -1.07 7.48
N GLY B 64 -11.38 -1.48 6.21
CA GLY B 64 -12.64 -1.82 5.59
C GLY B 64 -13.29 -0.66 4.86
N LYS B 65 -12.57 0.45 4.76
CA LYS B 65 -13.08 1.65 4.12
C LYS B 65 -13.14 1.64 2.61
N HIS B 66 -14.02 2.48 2.09
CA HIS B 66 -14.23 2.66 0.67
C HIS B 66 -14.28 4.18 0.48
N SER B 67 -15.20 4.83 1.19
CA SER B 67 -15.33 6.26 1.13
C SER B 67 -14.14 6.85 1.88
N ARG B 68 -13.66 7.98 1.39
CA ARG B 68 -12.52 8.64 2.01
C ARG B 68 -12.81 9.33 3.34
N THR B 69 -13.73 10.28 3.32
CA THR B 69 -14.04 11.09 4.52
C THR B 69 -15.20 10.65 5.41
N ARG B 70 -16.02 9.74 4.91
CA ARG B 70 -17.16 9.32 5.67
C ARG B 70 -16.94 8.17 6.63
N TYR B 71 -17.48 8.30 7.85
CA TYR B 71 -17.36 7.24 8.84
C TYR B 71 -18.33 6.16 8.39
N GLU B 72 -17.78 5.06 7.89
CA GLU B 72 -18.56 3.95 7.37
C GLU B 72 -19.10 2.98 8.43
N ARG B 73 -20.23 3.40 9.00
CA ARG B 73 -20.94 2.69 10.04
C ARG B 73 -21.30 1.28 9.61
N ASN B 74 -20.98 0.32 10.48
CA ASN B 74 -21.25 -1.10 10.26
C ASN B 74 -20.37 -1.76 9.20
N ILE B 75 -19.36 -1.03 8.71
CA ILE B 75 -18.46 -1.56 7.68
C ILE B 75 -16.99 -1.48 8.08
N GLU B 76 -16.48 -0.27 8.30
CA GLU B 76 -15.10 -0.09 8.69
C GLU B 76 -14.87 -0.40 10.17
N LYS B 77 -13.63 -0.68 10.53
CA LYS B 77 -13.25 -0.93 11.90
C LYS B 77 -12.06 -0.02 12.13
N ILE B 78 -12.08 0.70 13.25
CA ILE B 78 -11.01 1.62 13.61
C ILE B 78 -10.22 1.00 14.76
N SER B 79 -8.93 0.78 14.54
CA SER B 79 -8.08 0.17 15.55
C SER B 79 -7.05 1.16 16.08
N MET B 80 -6.59 0.88 17.29
CA MET B 80 -5.60 1.70 17.96
C MET B 80 -4.27 0.97 17.85
N LEU B 81 -3.18 1.71 17.88
CA LEU B 81 -1.86 1.14 17.76
C LEU B 81 -1.23 0.75 19.08
N GLU B 82 -0.80 -0.49 19.17
CA GLU B 82 -0.15 -0.98 20.36
C GLU B 82 1.33 -0.63 20.24
N LYS B 83 1.91 -0.91 19.07
CA LYS B 83 3.32 -0.61 18.86
C LYS B 83 3.65 -0.39 17.40
N ILE B 84 4.67 0.44 17.19
CA ILE B 84 5.16 0.78 15.86
C ILE B 84 6.58 0.22 15.79
N TYR B 85 6.91 -0.40 14.66
CA TYR B 85 8.23 -0.98 14.46
C TYR B 85 8.73 -0.50 13.11
N ILE B 86 9.85 0.22 13.12
CA ILE B 86 10.43 0.75 11.89
C ILE B 86 11.71 -0.01 11.65
N HIS B 87 11.98 -0.34 10.39
CA HIS B 87 13.18 -1.09 10.03
C HIS B 87 14.41 -0.42 10.67
N PRO B 88 15.21 -1.19 11.42
CA PRO B 88 16.39 -0.63 12.07
C PRO B 88 17.39 0.01 11.11
N ARG B 89 17.29 -0.31 9.82
CA ARG B 89 18.20 0.25 8.83
C ARG B 89 17.54 1.17 7.80
N TYR B 90 16.29 1.57 8.06
CA TYR B 90 15.58 2.49 7.17
C TYR B 90 16.45 3.74 7.11
N ASN B 91 16.78 4.18 5.91
CA ASN B 91 17.64 5.33 5.74
C ASN B 91 16.93 6.55 5.19
N TRP B 92 16.44 7.41 6.08
CA TRP B 92 15.73 8.63 5.68
C TRP B 92 16.72 9.74 5.38
N ARG B 93 17.96 9.58 5.82
CA ARG B 93 18.98 10.59 5.58
C ARG B 93 19.39 10.67 4.11
N GLU B 94 19.87 9.57 3.55
CA GLU B 94 20.28 9.64 2.15
C GLU B 94 19.20 9.38 1.12
N ASN B 95 18.48 8.27 1.23
CA ASN B 95 17.50 7.98 0.18
C ASN B 95 16.23 7.15 0.42
N LEU B 96 15.67 7.19 1.61
CA LEU B 96 14.48 6.40 1.91
C LEU B 96 14.71 4.91 1.62
N ASP B 97 15.89 4.42 1.96
CA ASP B 97 16.21 3.02 1.73
C ASP B 97 15.58 2.21 2.86
N ARG B 98 15.01 1.05 2.52
CA ARG B 98 14.36 0.17 3.50
C ARG B 98 13.19 0.91 4.16
N ASP B 99 12.37 1.51 3.32
CA ASP B 99 11.21 2.29 3.73
C ASP B 99 10.04 1.36 4.08
N ILE B 100 10.11 0.75 5.26
CA ILE B 100 9.09 -0.20 5.69
C ILE B 100 8.88 -0.16 7.20
N ALA B 101 7.64 -0.35 7.64
CA ALA B 101 7.30 -0.35 9.07
C ALA B 101 6.07 -1.21 9.37
N LEU B 102 6.07 -1.79 10.56
CA LEU B 102 4.97 -2.63 11.02
C LEU B 102 4.30 -1.95 12.21
N MET B 103 2.98 -2.08 12.28
CA MET B 103 2.18 -1.52 13.36
C MET B 103 1.31 -2.63 13.90
N LYS B 104 1.51 -2.97 15.17
CA LYS B 104 0.72 -4.01 15.82
C LYS B 104 -0.51 -3.33 16.41
N LEU B 105 -1.68 -3.88 16.12
CA LEU B 105 -2.94 -3.32 16.62
C LEU B 105 -3.15 -3.76 18.07
N LYS B 106 -3.85 -2.94 18.84
CA LYS B 106 -4.10 -3.27 20.24
C LYS B 106 -4.84 -4.59 20.40
N LYS B 107 -5.84 -4.82 19.56
CA LYS B 107 -6.56 -6.08 19.59
C LYS B 107 -6.88 -6.47 18.17
N PRO B 108 -7.01 -7.78 17.91
CA PRO B 108 -7.31 -8.33 16.59
C PRO B 108 -8.58 -7.80 15.92
N VAL B 109 -8.47 -7.49 14.63
CA VAL B 109 -9.58 -6.97 13.85
C VAL B 109 -10.36 -8.16 13.28
N ALA B 110 -11.68 -8.04 13.24
CA ALA B 110 -12.50 -9.12 12.72
C ALA B 110 -12.63 -9.01 11.21
N PHE B 111 -12.36 -10.12 10.52
CA PHE B 111 -12.46 -10.11 9.07
C PHE B 111 -13.92 -10.09 8.67
N SER B 112 -14.20 -9.66 7.45
CA SER B 112 -15.55 -9.58 6.95
C SER B 112 -15.41 -9.56 5.42
N ASP B 113 -16.47 -9.19 4.74
CA ASP B 113 -16.43 -9.09 3.30
C ASP B 113 -15.56 -7.90 2.85
N TYR B 114 -15.36 -6.96 3.76
CA TYR B 114 -14.60 -5.73 3.45
C TYR B 114 -13.23 -5.66 4.09
N ILE B 115 -12.95 -6.61 4.97
CA ILE B 115 -11.70 -6.69 5.72
C ILE B 115 -11.09 -8.10 5.58
N HIS B 116 -9.92 -8.17 4.95
CA HIS B 116 -9.23 -9.45 4.72
C HIS B 116 -7.76 -9.16 4.43
N PRO B 117 -6.84 -9.98 4.98
CA PRO B 117 -5.41 -9.76 4.75
C PRO B 117 -4.91 -10.20 3.38
N VAL B 118 -3.85 -9.52 2.92
CA VAL B 118 -3.20 -9.82 1.64
C VAL B 118 -1.99 -10.67 2.04
N CYS B 119 -1.45 -11.44 1.10
CA CYS B 119 -0.29 -12.28 1.38
C CYS B 119 1.03 -11.54 1.15
N LEU B 120 2.07 -11.98 1.85
CA LEU B 120 3.41 -11.42 1.68
C LEU B 120 4.06 -12.43 0.76
N PRO B 121 4.83 -11.97 -0.24
CA PRO B 121 5.47 -12.93 -1.15
C PRO B 121 6.61 -13.77 -0.60
N ASP B 122 6.74 -14.98 -1.15
CA ASP B 122 7.83 -15.88 -0.79
C ASP B 122 8.85 -15.69 -1.92
N ARG B 123 10.05 -16.21 -1.75
CA ARG B 123 11.12 -16.08 -2.73
C ARG B 123 10.74 -16.43 -4.17
N GLU B 124 10.03 -17.54 -4.34
CA GLU B 124 9.60 -18.01 -5.65
C GLU B 124 8.53 -17.09 -6.27
N THR B 125 7.54 -16.68 -5.48
CA THR B 125 6.49 -15.80 -5.99
C THR B 125 7.12 -14.50 -6.51
N ALA B 126 8.00 -13.90 -5.70
CA ALA B 126 8.69 -12.68 -6.06
C ALA B 126 9.50 -12.84 -7.35
N ALA B 127 10.25 -13.93 -7.44
CA ALA B 127 11.09 -14.19 -8.61
C ALA B 127 10.29 -14.21 -9.91
N SER B 128 9.18 -14.91 -9.90
CA SER B 128 8.33 -15.02 -11.08
C SER B 128 7.52 -13.78 -11.46
N LEU B 129 7.04 -13.02 -10.50
CA LEU B 129 6.22 -11.84 -10.81
C LEU B 129 6.93 -10.49 -10.92
N LEU B 130 7.99 -10.29 -10.14
CA LEU B 130 8.74 -9.03 -10.16
C LEU B 130 9.58 -8.89 -11.42
N GLN B 131 8.90 -8.77 -12.55
CA GLN B 131 9.56 -8.64 -13.83
C GLN B 131 9.03 -7.44 -14.61
N ALA B 132 9.94 -6.79 -15.34
CA ALA B 132 9.62 -5.62 -16.15
C ALA B 132 8.47 -5.95 -17.09
N GLY B 133 7.44 -5.11 -17.06
CA GLY B 133 6.28 -5.31 -17.91
C GLY B 133 5.08 -5.88 -17.17
N TYR B 134 5.35 -6.67 -16.13
CA TYR B 134 4.28 -7.27 -15.33
C TYR B 134 3.61 -6.15 -14.55
N LYS B 135 2.28 -6.14 -14.57
CA LYS B 135 1.53 -5.12 -13.88
C LYS B 135 1.14 -5.48 -12.45
N GLY B 136 1.17 -4.46 -11.61
CA GLY B 136 0.77 -4.61 -10.23
C GLY B 136 -0.39 -3.63 -10.09
N ARG B 137 -0.95 -3.51 -8.90
CA ARG B 137 -2.09 -2.63 -8.66
C ARG B 137 -1.83 -1.75 -7.45
N VAL B 138 -2.04 -0.45 -7.63
CA VAL B 138 -1.85 0.52 -6.55
C VAL B 138 -3.20 1.11 -6.22
N THR B 139 -3.46 1.29 -4.92
CA THR B 139 -4.74 1.84 -4.44
C THR B 139 -4.51 2.89 -3.33
N GLY B 140 -5.44 3.81 -3.20
CA GLY B 140 -5.32 4.82 -2.17
C GLY B 140 -6.34 5.94 -2.26
N TRP B 141 -6.36 6.78 -1.25
CA TRP B 141 -7.29 7.91 -1.17
C TRP B 141 -6.50 9.23 -1.32
N GLY B 142 -5.34 9.13 -1.97
CA GLY B 142 -4.48 10.28 -2.16
C GLY B 142 -4.93 11.19 -3.27
N ASN B 143 -4.17 12.26 -3.46
CA ASN B 143 -4.47 13.26 -4.49
C ASN B 143 -4.65 12.67 -5.87
N LEU B 144 -5.59 13.24 -6.61
CA LEU B 144 -5.92 12.83 -7.97
C LEU B 144 -4.99 13.49 -8.99
N LYS B 145 -4.33 14.57 -8.57
CA LYS B 145 -3.44 15.34 -9.42
C LYS B 145 -2.28 15.84 -8.58
N GLU B 146 -1.17 16.17 -9.22
CA GLU B 146 0.00 16.65 -8.48
C GLU B 146 -0.30 17.98 -7.80
N THR B 147 -1.11 18.80 -8.46
CA THR B 147 -1.48 20.11 -7.92
C THR B 147 -2.88 20.49 -8.42
N GLY B 155 -8.38 17.10 -7.26
CA GLY B 155 -8.16 17.26 -5.79
C GLY B 155 -8.10 15.92 -5.08
N GLN B 156 -8.92 15.78 -4.04
CA GLN B 156 -8.99 14.54 -3.27
C GLN B 156 -10.16 13.70 -3.77
N PRO B 157 -10.05 12.36 -3.71
CA PRO B 157 -11.12 11.49 -4.18
C PRO B 157 -12.24 11.32 -3.15
N SER B 158 -13.39 10.89 -3.63
CA SER B 158 -14.55 10.65 -2.77
C SER B 158 -14.47 9.20 -2.30
N VAL B 159 -13.93 8.36 -3.18
CA VAL B 159 -13.85 6.94 -2.94
C VAL B 159 -12.44 6.41 -3.22
N LEU B 160 -12.12 5.24 -2.68
CA LEU B 160 -10.82 4.60 -2.89
C LEU B 160 -10.53 4.51 -4.39
N GLN B 161 -9.32 4.90 -4.76
CA GLN B 161 -8.93 4.86 -6.17
C GLN B 161 -7.99 3.69 -6.43
N VAL B 162 -8.02 3.18 -7.66
CA VAL B 162 -7.16 2.06 -8.05
C VAL B 162 -6.59 2.23 -9.46
N VAL B 163 -5.33 1.82 -9.64
CA VAL B 163 -4.69 1.88 -10.95
C VAL B 163 -3.71 0.70 -11.08
N ASN B 164 -3.64 0.13 -12.28
CA ASN B 164 -2.75 -0.99 -12.58
C ASN B 164 -1.57 -0.41 -13.33
N LEU B 165 -0.36 -0.61 -12.80
CA LEU B 165 0.87 -0.08 -13.40
C LEU B 165 1.93 -1.14 -13.68
N PRO B 166 2.59 -1.07 -14.85
CA PRO B 166 3.63 -2.05 -15.20
C PRO B 166 4.96 -1.82 -14.51
N ILE B 167 5.61 -2.90 -14.12
CA ILE B 167 6.91 -2.83 -13.48
C ILE B 167 7.90 -2.36 -14.56
N VAL B 168 8.84 -1.50 -14.18
CA VAL B 168 9.79 -0.94 -15.14
C VAL B 168 11.20 -1.51 -14.98
N GLU B 169 11.92 -1.63 -16.10
CA GLU B 169 13.29 -2.14 -16.10
C GLU B 169 14.13 -1.27 -15.20
N ARG B 170 14.97 -1.89 -14.36
CA ARG B 170 15.79 -1.12 -13.43
C ARG B 170 16.65 -0.01 -14.06
N PRO B 171 17.30 -0.28 -15.21
CA PRO B 171 18.11 0.77 -15.84
C PRO B 171 17.25 1.99 -16.17
N VAL B 172 16.03 1.74 -16.64
CA VAL B 172 15.11 2.81 -16.99
C VAL B 172 14.75 3.60 -15.75
N CYS B 173 14.48 2.92 -14.64
CA CYS B 173 14.14 3.57 -13.38
C CYS B 173 15.27 4.51 -12.96
N LYS B 174 16.49 3.98 -12.98
CA LYS B 174 17.68 4.73 -12.62
C LYS B 174 17.91 5.94 -13.53
N ASP B 175 17.75 5.73 -14.83
CA ASP B 175 17.96 6.78 -15.82
C ASP B 175 16.88 7.84 -15.85
N SER B 176 15.85 7.69 -15.03
CA SER B 176 14.78 8.66 -15.00
C SER B 176 14.99 9.66 -13.87
N THR B 177 16.00 9.46 -13.05
CA THR B 177 16.19 10.33 -11.92
C THR B 177 17.65 10.52 -11.55
N ARG B 178 17.92 11.49 -10.70
CA ARG B 178 19.28 11.75 -10.24
C ARG B 178 19.47 11.08 -8.89
N ILE B 179 18.38 10.53 -8.35
CA ILE B 179 18.42 9.83 -7.06
C ILE B 179 19.06 8.44 -7.25
N ARG B 180 19.86 8.03 -6.27
CA ARG B 180 20.50 6.72 -6.30
C ARG B 180 19.49 5.65 -5.85
N ILE B 181 19.12 4.76 -6.77
CA ILE B 181 18.16 3.68 -6.51
C ILE B 181 18.89 2.50 -5.84
N THR B 182 18.26 1.86 -4.86
CA THR B 182 18.86 0.70 -4.19
C THR B 182 18.09 -0.55 -4.62
N ASP B 183 18.61 -1.73 -4.27
CA ASP B 183 17.96 -2.99 -4.61
C ASP B 183 16.66 -3.19 -3.82
N ASN B 184 16.50 -2.42 -2.76
CA ASN B 184 15.33 -2.49 -1.90
C ASN B 184 14.19 -1.63 -2.46
N MET B 185 14.34 -1.19 -3.70
CA MET B 185 13.34 -0.35 -4.36
C MET B 185 13.11 -0.89 -5.76
N PHE B 186 11.91 -0.64 -6.28
CA PHE B 186 11.60 -0.97 -7.67
C PHE B 186 10.68 0.17 -8.09
N CYS B 187 10.57 0.42 -9.39
CA CYS B 187 9.72 1.49 -9.85
C CYS B 187 8.70 0.95 -10.81
N ALA B 188 7.57 1.65 -10.93
CA ALA B 188 6.49 1.26 -11.81
C ALA B 188 5.83 2.46 -12.48
N GLY B 189 5.13 2.21 -13.58
CA GLY B 189 4.45 3.27 -14.30
C GLY B 189 4.69 3.15 -15.80
N TYR B 190 3.92 3.88 -16.59
CA TYR B 190 4.05 3.85 -18.04
C TYR B 190 5.12 4.81 -18.56
N LYS B 191 5.72 4.44 -19.69
CA LYS B 191 6.76 5.24 -20.32
C LYS B 191 6.03 6.28 -21.15
N PRO B 192 6.68 7.42 -21.40
CA PRO B 192 6.06 8.49 -22.19
C PRO B 192 5.43 8.02 -23.51
N ASP B 193 6.09 7.10 -24.21
CA ASP B 193 5.57 6.60 -25.49
C ASP B 193 4.47 5.54 -25.35
N GLU B 194 4.33 4.94 -24.17
CA GLU B 194 3.34 3.89 -23.95
C GLU B 194 1.90 4.37 -23.98
N GLY B 195 1.70 5.67 -23.98
CA GLY B 195 0.36 6.22 -24.03
C GLY B 195 -0.35 6.26 -22.69
N LYS B 196 -0.64 5.09 -22.13
CA LYS B 196 -1.32 4.99 -20.85
C LYS B 196 -0.56 5.73 -19.75
N ARG B 197 -1.26 6.10 -18.68
CA ARG B 197 -0.63 6.79 -17.56
C ARG B 197 -1.21 6.39 -16.21
N GLY B 198 -0.83 7.11 -15.17
CA GLY B 198 -1.32 6.80 -13.84
C GLY B 198 -0.17 6.70 -12.87
N ASP B 199 -0.42 6.97 -11.60
CA ASP B 199 0.64 6.92 -10.61
C ASP B 199 0.01 7.15 -9.24
N ALA B 200 0.79 6.90 -8.20
CA ALA B 200 0.38 7.15 -6.84
C ALA B 200 0.65 8.66 -6.65
N CYS B 201 0.18 9.23 -5.56
CA CYS B 201 0.41 10.64 -5.30
C CYS B 201 0.35 10.88 -3.80
N GLU B 202 0.41 12.14 -3.39
CA GLU B 202 0.37 12.49 -1.97
C GLU B 202 -0.87 11.88 -1.34
N GLY B 203 -0.68 11.24 -0.18
CA GLY B 203 -1.79 10.60 0.50
C GLY B 203 -1.85 9.11 0.23
N ASP B 204 -1.16 8.67 -0.83
CA ASP B 204 -1.12 7.25 -1.21
C ASP B 204 0.06 6.50 -0.62
N SER B 205 1.12 7.22 -0.22
CA SER B 205 2.32 6.55 0.30
C SER B 205 2.02 5.72 1.52
N GLY B 206 2.70 4.58 1.62
CA GLY B 206 2.47 3.65 2.71
C GLY B 206 1.53 2.56 2.22
N GLY B 207 0.80 2.89 1.15
CA GLY B 207 -0.14 1.98 0.53
C GLY B 207 0.51 0.80 -0.16
N PRO B 208 -0.29 -0.21 -0.53
CA PRO B 208 0.20 -1.42 -1.20
C PRO B 208 0.25 -1.44 -2.73
N PHE B 209 1.21 -2.20 -3.26
CA PHE B 209 1.36 -2.43 -4.70
C PHE B 209 1.20 -3.96 -4.68
N VAL B 210 0.08 -4.46 -5.19
CA VAL B 210 -0.18 -5.89 -5.16
C VAL B 210 -0.22 -6.50 -6.56
N MET B 211 -0.07 -7.81 -6.62
CA MET B 211 -0.12 -8.53 -7.88
C MET B 211 -0.89 -9.81 -7.60
N LYS B 212 -1.68 -10.28 -8.56
CA LYS B 212 -2.43 -11.52 -8.37
C LYS B 212 -1.68 -12.65 -9.04
N SER B 213 -1.15 -13.55 -8.23
CA SER B 213 -0.41 -14.70 -8.74
C SER B 213 -1.30 -15.55 -9.63
N PRO B 214 -0.87 -15.78 -10.88
CA PRO B 214 -1.66 -16.61 -11.81
C PRO B 214 -1.43 -18.09 -11.52
N PHE B 215 -0.57 -18.37 -10.54
CA PHE B 215 -0.23 -19.73 -10.13
C PHE B 215 -1.22 -20.27 -9.10
N ASN B 216 -1.63 -19.43 -8.16
CA ASN B 216 -2.57 -19.84 -7.12
C ASN B 216 -3.75 -18.89 -6.91
N ASN B 217 -3.85 -17.88 -7.78
CA ASN B 217 -4.91 -16.88 -7.75
C ASN B 217 -5.07 -16.10 -6.46
N ARG B 218 -3.96 -15.84 -5.77
CA ARG B 218 -3.96 -15.07 -4.54
C ARG B 218 -3.26 -13.74 -4.79
N TRP B 219 -3.63 -12.73 -4.02
CA TRP B 219 -3.02 -11.41 -4.14
C TRP B 219 -1.86 -11.31 -3.18
N TYR B 220 -0.75 -10.79 -3.69
CA TYR B 220 0.45 -10.61 -2.91
C TYR B 220 0.91 -9.16 -2.95
N GLN B 221 1.39 -8.65 -1.83
CA GLN B 221 1.87 -7.28 -1.78
C GLN B 221 3.35 -7.28 -2.14
N MET B 222 3.68 -6.84 -3.35
CA MET B 222 5.07 -6.80 -3.81
C MET B 222 5.76 -5.51 -3.42
N GLY B 223 4.97 -4.43 -3.34
CA GLY B 223 5.53 -3.13 -2.99
C GLY B 223 4.70 -2.24 -2.08
N ILE B 224 5.35 -1.22 -1.53
CA ILE B 224 4.74 -0.23 -0.66
C ILE B 224 5.07 1.11 -1.33
N VAL B 225 4.07 1.96 -1.55
CA VAL B 225 4.29 3.28 -2.17
C VAL B 225 5.32 4.01 -1.29
N SER B 226 6.48 4.29 -1.87
CA SER B 226 7.57 4.93 -1.12
C SER B 226 7.88 6.36 -1.48
N TRP B 227 8.22 6.63 -2.74
CA TRP B 227 8.55 7.98 -3.14
C TRP B 227 8.30 8.23 -4.62
N GLY B 228 8.36 9.51 -4.98
CA GLY B 228 8.15 9.90 -6.35
C GLY B 228 8.48 11.36 -6.46
N GLU B 229 8.80 11.79 -7.67
CA GLU B 229 9.12 13.17 -7.97
C GLU B 229 7.89 13.69 -8.70
N GLY B 230 7.03 14.38 -7.95
CA GLY B 230 5.81 14.87 -8.53
C GLY B 230 4.84 13.70 -8.59
N CYS B 231 3.83 13.79 -9.44
CA CYS B 231 2.86 12.72 -9.58
C CYS B 231 2.48 12.61 -11.04
N ASP B 232 2.63 11.41 -11.60
CA ASP B 232 2.27 11.13 -12.97
C ASP B 232 2.99 12.01 -14.02
N ARG B 233 4.22 12.39 -13.73
CA ARG B 233 4.99 13.21 -14.66
C ARG B 233 5.59 12.33 -15.76
N ASP B 234 5.49 12.76 -17.01
CA ASP B 234 6.07 12.01 -18.11
C ASP B 234 7.55 11.83 -17.83
N GLY B 235 8.04 10.60 -18.02
CA GLY B 235 9.46 10.34 -17.80
C GLY B 235 9.83 10.05 -16.37
N LYS B 236 8.85 10.09 -15.46
CA LYS B 236 9.12 9.80 -14.06
C LYS B 236 8.33 8.55 -13.69
N TYR B 237 8.75 7.88 -12.62
CA TYR B 237 8.08 6.67 -12.18
C TYR B 237 7.89 6.67 -10.67
N GLY B 238 6.91 5.91 -10.20
CA GLY B 238 6.66 5.82 -8.78
C GLY B 238 7.61 4.77 -8.26
N PHE B 239 8.21 5.02 -7.11
CA PHE B 239 9.13 4.07 -6.51
C PHE B 239 8.46 3.36 -5.35
N TYR B 240 8.79 2.08 -5.23
CA TYR B 240 8.19 1.22 -4.23
C TYR B 240 9.18 0.42 -3.42
N THR B 241 8.87 0.25 -2.14
CA THR B 241 9.69 -0.56 -1.27
C THR B 241 9.54 -2.01 -1.75
N HIS B 242 10.67 -2.69 -1.91
CA HIS B 242 10.69 -4.08 -2.36
C HIS B 242 10.35 -4.95 -1.14
N VAL B 243 9.06 -5.25 -0.94
CA VAL B 243 8.63 -6.02 0.23
C VAL B 243 9.35 -7.36 0.46
N PHE B 244 9.51 -8.16 -0.60
CA PHE B 244 10.20 -9.41 -0.41
C PHE B 244 11.66 -9.28 0.04
N ARG B 245 12.37 -8.26 -0.44
CA ARG B 245 13.76 -8.08 -0.03
C ARG B 245 13.90 -7.85 1.46
N LEU B 246 12.85 -7.33 2.08
CA LEU B 246 12.87 -7.02 3.50
C LEU B 246 11.92 -7.89 4.33
N LYS B 247 11.57 -9.06 3.81
CA LYS B 247 10.66 -9.94 4.50
C LYS B 247 11.23 -10.57 5.76
N LYS B 248 12.52 -10.87 5.76
CA LYS B 248 13.14 -11.48 6.92
C LYS B 248 12.98 -10.58 8.14
N TRP B 249 13.08 -9.28 7.93
CA TRP B 249 12.90 -8.31 9.01
C TRP B 249 11.46 -8.44 9.48
N ILE B 250 10.53 -8.51 8.51
CA ILE B 250 9.11 -8.64 8.80
C ILE B 250 8.86 -9.88 9.65
N GLN B 251 9.29 -11.04 9.17
CA GLN B 251 9.11 -12.29 9.91
C GLN B 251 9.64 -12.18 11.33
N LYS B 252 10.89 -11.77 11.48
CA LYS B 252 11.48 -11.66 12.81
C LYS B 252 10.72 -10.75 13.77
N VAL B 253 10.22 -9.60 13.30
CA VAL B 253 9.46 -8.70 14.17
C VAL B 253 8.18 -9.41 14.61
N ILE B 254 7.48 -9.99 13.65
CA ILE B 254 6.24 -10.68 13.92
C ILE B 254 6.42 -11.93 14.77
N ASP B 255 7.59 -12.55 14.71
CA ASP B 255 7.79 -13.73 15.54
C ASP B 255 8.51 -13.37 16.83
N GLN B 256 8.77 -12.09 17.03
CA GLN B 256 9.45 -11.62 18.23
C GLN B 256 8.46 -10.94 19.17
N PHE B 257 7.84 -9.88 18.69
CA PHE B 257 6.86 -9.13 19.48
C PHE B 257 5.47 -9.46 18.96
N GLY B 258 5.42 -10.33 17.96
CA GLY B 258 4.18 -10.67 17.31
C GLY B 258 3.11 -11.54 17.91
N GLU B 259 1.97 -11.47 17.23
CA GLU B 259 0.74 -12.19 17.52
C GLU B 259 -0.17 -11.73 16.36
N ASP C 1 -12.16 17.64 5.55
CA ASP C 1 -13.62 17.38 5.52
C ASP C 1 -13.96 15.96 6.02
N PHE C 2 -13.31 15.53 7.09
CA PHE C 2 -13.57 14.21 7.65
C PHE C 2 -14.70 14.19 8.66
N GLU C 3 -15.69 13.33 8.38
CA GLU C 3 -16.84 13.16 9.26
C GLU C 3 -16.39 12.65 10.62
N GLU C 4 -17.04 13.15 11.66
CA GLU C 4 -16.74 12.77 13.03
C GLU C 4 -16.82 11.26 13.22
N ILE C 5 -15.77 10.70 13.79
CA ILE C 5 -15.73 9.28 14.04
C ILE C 5 -16.08 9.12 15.52
N PRO C 6 -16.78 8.03 15.89
CA PRO C 6 -17.15 7.80 17.28
C PRO C 6 -16.04 8.16 18.26
N GLU C 7 -16.32 9.18 19.07
CA GLU C 7 -15.39 9.68 20.07
C GLU C 7 -14.78 8.54 20.89
N GLU C 8 -15.42 7.38 20.85
CA GLU C 8 -14.96 6.19 21.56
C GLU C 8 -13.57 5.70 21.15
N LEU C 10 -11.07 7.95 20.18
CA LEU C 10 -10.15 9.04 20.44
C LEU C 10 -9.57 9.08 21.86
#